data_8CR6
#
_entry.id   8CR6
#
_cell.length_a   59.110
_cell.length_b   70.770
_cell.length_c   127.370
_cell.angle_alpha   90.000
_cell.angle_beta   90.000
_cell.angle_gamma   90.000
#
_symmetry.space_group_name_H-M   'P 21 21 21'
#
loop_
_entity.id
_entity.type
_entity.pdbx_description
1 polymer 'Interleukin-12 subunit beta'
2 polymer 'Interleukin-12 subunit alpha'
3 branched beta-D-mannopyranose-(1-4)-2-acetamido-2-deoxy-beta-D-glucopyranose-(1-4)-2-acetamido-2-deoxy-beta-D-glucopyranose
4 non-polymer 2-acetamido-2-deoxy-beta-D-glucopyranose
5 water water
#
loop_
_entity_poly.entity_id
_entity_poly.type
_entity_poly.pdbx_seq_one_letter_code
_entity_poly.pdbx_strand_id
1 'polypeptide(L)'
;MCPQKLTISWFAIVLLVSPLMAMWELEKDVYVVEVDWTPDAPGETVNLTCDTPEEDDITWTSDQRHGVIGSGKTLTITVK
EFLDAGQYTCHKGGETLSHSHLLLHKKENGIWSTEILKNFKNKTFLKCEAPNYSGRFTCSWLVQRNMDLKFNIKSSSSSP
DSRAVTCGMASLSAEKVTLDQRDYEKYSVSCQEDVTCPTAEETLPIELALEARQQNKYENYSTSFFIRDIIKPDPPKNLQ
MKPLKNSQVEVSWEYPDSWSTPHSYFSLKFFVRIQRKKEKMKETEEGCNQKGAFLVEKTSTEVQCKGGNVCVQAQDRYYN
SSCSKWACVPCRVRS
;
A
2 'polypeptide(L)'
;MCQSRYLLFLATLALLNHLSLARVIPVSGPARCLSQSRNLLKTTDDMVKTAREKLKHYSCTAEDIDHEDITRDQTSTLKT
CLPLELHKNESCLATRETSSTTRGSCLPPQKTSLMMTLCLGSIYEDLKMYQTEFQAINAALQNHNHQQIILDKGMLVAID
ELMQSLNHNGETLRQKPPVGEADPYRVKMKLCILLHAFSTRVVTINRVMGYLSSAGTSDEVDGGSGGSGLNDIFEAQKIE
WHEGRTKHHHHHH
;
B
#
# COMPACT_ATOMS: atom_id res chain seq x y z
N MET A 23 13.36 -24.71 18.43
CA MET A 23 13.33 -25.18 17.04
C MET A 23 11.88 -25.35 16.57
N TRP A 24 11.51 -24.61 15.52
CA TRP A 24 10.18 -24.66 14.95
C TRP A 24 10.24 -25.19 13.52
N GLU A 25 9.15 -25.81 13.10
CA GLU A 25 9.08 -26.52 11.83
C GLU A 25 8.58 -25.57 10.75
N LEU A 26 9.47 -25.19 9.83
CA LEU A 26 9.06 -24.42 8.65
C LEU A 26 8.49 -25.35 7.58
N GLU A 27 9.19 -26.47 7.32
CA GLU A 27 8.72 -27.50 6.40
C GLU A 27 9.01 -28.86 7.02
N LYS A 28 8.65 -29.92 6.29
CA LYS A 28 8.74 -31.28 6.83
C LYS A 28 10.16 -31.62 7.26
N ASP A 29 11.13 -31.39 6.37
CA ASP A 29 12.53 -31.70 6.64
C ASP A 29 13.40 -30.45 6.65
N VAL A 30 12.81 -29.28 6.83
CA VAL A 30 13.53 -28.01 6.94
C VAL A 30 13.11 -27.35 8.25
N TYR A 31 14.07 -27.15 9.15
CA TYR A 31 13.81 -26.59 10.47
C TYR A 31 14.62 -25.31 10.67
N VAL A 32 14.04 -24.38 11.42
CA VAL A 32 14.67 -23.10 11.72
C VAL A 32 14.88 -23.00 13.22
N VAL A 33 16.09 -22.64 13.62
CA VAL A 33 16.43 -22.45 15.03
C VAL A 33 16.83 -21.00 15.23
N GLU A 34 16.29 -20.38 16.28
CA GLU A 34 16.55 -18.98 16.60
C GLU A 34 17.66 -18.91 17.65
N VAL A 35 18.69 -18.12 17.37
CA VAL A 35 19.87 -18.04 18.21
C VAL A 35 20.06 -16.60 18.68
N ASP A 36 20.59 -16.45 19.89
CA ASP A 36 20.79 -15.13 20.49
C ASP A 36 21.93 -14.35 19.86
N TRP A 37 22.77 -15.00 19.06
CA TRP A 37 23.89 -14.37 18.37
C TRP A 37 24.63 -13.41 19.27
N THR A 38 25.02 -13.93 20.44
CA THR A 38 25.87 -13.22 21.39
C THR A 38 26.99 -14.18 21.78
N PRO A 39 28.25 -13.78 21.72
CA PRO A 39 29.35 -14.74 21.90
C PRO A 39 29.24 -15.59 23.16
N ASP A 40 28.69 -15.05 24.25
CA ASP A 40 28.57 -15.82 25.49
C ASP A 40 27.34 -16.71 25.51
N ALA A 41 26.34 -16.43 24.68
CA ALA A 41 25.09 -17.18 24.73
C ALA A 41 25.30 -18.62 24.29
N PRO A 42 24.78 -19.60 25.02
CA PRO A 42 24.93 -21.01 24.60
C PRO A 42 23.91 -21.35 23.52
N GLY A 43 24.39 -21.99 22.46
CA GLY A 43 23.50 -22.40 21.39
C GLY A 43 22.47 -23.41 21.88
N GLU A 44 21.30 -23.41 21.22
CA GLU A 44 20.23 -24.28 21.62
C GLU A 44 20.56 -25.73 21.27
N THR A 45 20.26 -26.64 22.19
CA THR A 45 20.54 -28.05 22.02
C THR A 45 19.24 -28.77 21.65
N VAL A 46 19.19 -29.31 20.44
CA VAL A 46 18.01 -30.02 19.94
C VAL A 46 18.48 -31.22 19.14
N ASN A 47 17.83 -32.37 19.35
CA ASN A 47 18.19 -33.59 18.66
C ASN A 47 17.40 -33.74 17.37
N LEU A 48 18.07 -34.24 16.34
CA LEU A 48 17.43 -34.58 15.07
C LEU A 48 17.73 -36.03 14.73
N THR A 49 16.70 -36.77 14.37
CA THR A 49 16.81 -38.19 14.05
C THR A 49 16.66 -38.39 12.54
N CYS A 50 17.13 -39.54 12.07
CA CYS A 50 16.99 -39.87 10.66
C CYS A 50 15.54 -40.22 10.36
N ASP A 51 15.07 -39.83 9.17
CA ASP A 51 13.68 -40.01 8.82
C ASP A 51 13.31 -41.46 8.53
N THR A 52 14.26 -42.40 8.65
CA THR A 52 13.94 -43.82 8.54
C THR A 52 13.85 -44.41 9.95
N PRO A 53 12.72 -45.02 10.32
CA PRO A 53 12.53 -45.39 11.74
C PRO A 53 13.33 -46.60 12.19
N GLU A 54 13.38 -47.68 11.40
CA GLU A 54 13.89 -48.95 11.89
C GLU A 54 15.39 -49.14 11.65
N GLU A 55 16.00 -48.35 10.78
CA GLU A 55 17.39 -48.59 10.41
C GLU A 55 18.33 -48.30 11.57
N ASP A 56 19.38 -49.11 11.68
CA ASP A 56 20.40 -48.94 12.71
C ASP A 56 21.79 -48.97 12.07
N ASP A 57 22.77 -48.50 12.83
CA ASP A 57 24.18 -48.51 12.43
C ASP A 57 24.44 -47.56 11.26
N ILE A 58 23.79 -46.40 11.29
CA ILE A 58 23.87 -45.42 10.21
C ILE A 58 25.05 -44.48 10.45
N THR A 59 25.34 -43.62 9.47
CA THR A 59 26.35 -42.58 9.60
C THR A 59 25.75 -41.25 9.15
N TRP A 60 26.41 -40.16 9.54
CA TRP A 60 25.89 -38.81 9.33
C TRP A 60 26.96 -37.91 8.74
N THR A 61 26.54 -36.97 7.90
CA THR A 61 27.42 -35.97 7.33
C THR A 61 26.71 -34.62 7.32
N SER A 62 27.47 -33.58 6.97
CA SER A 62 26.94 -32.25 6.77
C SER A 62 27.54 -31.66 5.51
N ASP A 63 26.77 -30.79 4.85
CA ASP A 63 27.22 -30.22 3.57
C ASP A 63 28.43 -29.32 3.72
N GLN A 64 28.80 -28.93 4.94
CA GLN A 64 30.01 -28.16 5.18
C GLN A 64 31.13 -29.01 5.77
N ARG A 65 30.92 -30.31 5.90
CA ARG A 65 31.93 -31.23 6.42
C ARG A 65 32.23 -32.28 5.36
N HIS A 66 33.47 -32.78 5.38
CA HIS A 66 33.93 -33.73 4.37
C HIS A 66 33.58 -35.16 4.73
N GLY A 67 33.72 -35.55 6.00
CA GLY A 67 33.57 -36.92 6.42
C GLY A 67 32.38 -37.14 7.34
N VAL A 68 32.35 -38.32 7.95
CA VAL A 68 31.26 -38.72 8.82
C VAL A 68 31.42 -38.07 10.18
N ILE A 69 30.29 -37.68 10.78
CA ILE A 69 30.30 -36.97 12.06
C ILE A 69 29.28 -37.53 13.04
N GLY A 70 28.58 -38.62 12.71
CA GLY A 70 27.60 -39.19 13.62
C GLY A 70 27.45 -40.68 13.38
N SER A 71 26.83 -41.36 14.35
CA SER A 71 26.70 -42.81 14.26
C SER A 71 25.31 -43.30 14.65
N GLY A 72 24.72 -42.71 15.70
CA GLY A 72 23.46 -43.22 16.21
C GLY A 72 22.29 -42.95 15.29
N LYS A 73 21.16 -43.61 15.61
CA LYS A 73 19.94 -43.37 14.86
C LYS A 73 19.43 -41.96 15.07
N THR A 74 19.75 -41.36 16.22
CA THR A 74 19.43 -39.97 16.52
C THR A 74 20.71 -39.22 16.84
N LEU A 75 20.86 -38.02 16.27
CA LEU A 75 22.08 -37.23 16.41
C LEU A 75 21.73 -35.93 17.12
N THR A 76 22.18 -35.78 18.36
CA THR A 76 22.08 -34.51 19.07
C THR A 76 22.92 -33.46 18.37
N ILE A 77 22.55 -32.19 18.53
CA ILE A 77 23.30 -31.10 17.93
C ILE A 77 23.13 -29.85 18.79
N THR A 78 24.19 -29.06 18.89
CA THR A 78 24.18 -27.78 19.59
C THR A 78 24.41 -26.69 18.56
N VAL A 79 23.43 -25.81 18.39
CA VAL A 79 23.46 -24.84 17.30
C VAL A 79 23.74 -23.45 17.85
N LYS A 80 25.01 -23.05 17.85
CA LYS A 80 25.41 -21.70 18.21
C LYS A 80 25.91 -20.90 17.00
N GLU A 81 26.58 -21.54 16.05
CA GLU A 81 27.16 -20.87 14.91
C GLU A 81 26.59 -21.45 13.61
N PHE A 82 26.94 -20.81 12.49
CA PHE A 82 26.48 -21.28 11.19
C PHE A 82 27.09 -22.63 10.83
N LEU A 83 28.34 -22.88 11.25
CA LEU A 83 28.95 -24.17 10.96
C LEU A 83 28.14 -25.32 11.56
N ASP A 84 27.45 -25.07 12.66
CA ASP A 84 26.59 -26.07 13.28
C ASP A 84 25.26 -26.24 12.53
N ALA A 85 25.14 -25.69 11.33
CA ALA A 85 23.94 -25.81 10.53
C ALA A 85 24.31 -26.19 9.11
N GLY A 86 23.35 -26.77 8.40
CA GLY A 86 23.57 -27.17 7.02
C GLY A 86 22.61 -28.28 6.63
N GLN A 87 23.00 -29.03 5.60
CA GLN A 87 22.21 -30.13 5.06
C GLN A 87 22.74 -31.43 5.69
N TYR A 88 22.14 -31.82 6.80
CA TYR A 88 22.54 -33.05 7.49
C TYR A 88 21.88 -34.24 6.81
N THR A 89 22.69 -35.11 6.23
CA THR A 89 22.22 -36.24 5.43
C THR A 89 22.63 -37.54 6.09
N CYS A 90 21.68 -38.46 6.24
CA CYS A 90 22.00 -39.77 6.77
C CYS A 90 22.77 -40.58 5.72
N HIS A 91 23.55 -41.56 6.20
CA HIS A 91 24.25 -42.47 5.31
C HIS A 91 24.40 -43.84 5.96
N THR A 96 22.19 -42.84 1.35
CA THR A 96 21.50 -41.60 1.72
C THR A 96 20.08 -41.91 2.22
N LEU A 97 19.96 -42.19 3.53
CA LEU A 97 18.68 -42.61 4.07
C LEU A 97 17.68 -41.45 4.13
N SER A 98 18.13 -40.27 4.57
CA SER A 98 17.23 -39.13 4.70
C SER A 98 18.04 -37.84 4.73
N HIS A 99 17.32 -36.72 4.70
CA HIS A 99 17.92 -35.39 4.73
C HIS A 99 17.22 -34.53 5.77
N SER A 100 17.99 -33.62 6.36
CA SER A 100 17.46 -32.62 7.27
C SER A 100 18.26 -31.33 7.10
N HIS A 101 17.56 -30.20 7.17
CA HIS A 101 18.16 -28.90 6.92
C HIS A 101 17.98 -28.00 8.14
N LEU A 102 19.06 -27.33 8.54
CA LEU A 102 19.04 -26.40 9.67
C LEU A 102 19.19 -24.97 9.15
N LEU A 103 18.33 -24.08 9.64
CA LEU A 103 18.36 -22.67 9.27
C LEU A 103 18.48 -21.82 10.53
N LEU A 104 19.26 -20.76 10.45
CA LEU A 104 19.50 -19.86 11.57
C LEU A 104 18.78 -18.55 11.34
N HIS A 105 18.07 -18.08 12.37
CA HIS A 105 17.44 -16.76 12.38
C HIS A 105 18.07 -15.98 13.52
N LYS A 106 18.97 -15.05 13.19
CA LYS A 106 19.70 -14.32 14.21
C LYS A 106 18.81 -13.28 14.88
N LYS A 107 18.94 -13.16 16.20
CA LYS A 107 18.40 -12.03 16.94
C LYS A 107 19.54 -11.42 17.75
N GLU A 108 19.86 -10.17 17.47
CA GLU A 108 20.98 -9.47 18.10
C GLU A 108 20.43 -8.32 18.91
N ASN A 109 20.61 -8.38 20.23
CA ASN A 109 20.05 -7.40 21.16
C ASN A 109 18.53 -7.34 21.06
N GLY A 110 17.90 -8.47 20.74
CA GLY A 110 16.46 -8.57 20.70
C GLY A 110 15.82 -8.30 19.35
N ILE A 111 16.59 -7.88 18.35
CA ILE A 111 16.06 -7.59 17.04
C ILE A 111 16.60 -8.59 16.04
N TRP A 112 15.76 -8.94 15.06
CA TRP A 112 16.09 -9.98 14.08
C TRP A 112 16.83 -9.41 12.89
N SER A 113 17.67 -10.25 12.29
CA SER A 113 18.58 -9.78 11.24
C SER A 113 17.80 -9.40 9.98
N THR A 114 18.27 -8.37 9.30
CA THR A 114 17.74 -7.91 8.03
C THR A 114 18.84 -7.82 7.00
N GLU A 115 19.60 -8.91 6.87
CA GLU A 115 20.84 -8.91 6.09
C GLU A 115 20.67 -9.49 4.69
N ILE A 116 19.70 -10.35 4.47
CA ILE A 116 19.53 -10.96 3.14
C ILE A 116 19.10 -9.91 2.13
N LEU A 117 18.08 -9.14 2.46
CA LEU A 117 17.54 -8.15 1.54
C LEU A 117 18.24 -6.81 1.70
N LYS A 118 18.21 -6.02 0.64
CA LYS A 118 18.70 -4.65 0.65
C LYS A 118 17.52 -3.69 0.57
N ASN A 119 17.51 -2.69 1.44
CA ASN A 119 16.45 -1.71 1.43
C ASN A 119 16.64 -0.72 0.29
N PHE A 120 15.55 -0.04 -0.07
CA PHE A 120 15.61 1.04 -1.04
C PHE A 120 16.01 2.34 -0.35
N LYS A 121 16.06 3.43 -1.12
CA LYS A 121 16.31 4.74 -0.50
C LYS A 121 15.25 5.07 0.53
N ASN A 122 14.00 4.67 0.26
CA ASN A 122 12.92 4.82 1.23
C ASN A 122 13.24 4.10 2.53
N LYS A 123 13.99 3.00 2.46
CA LYS A 123 14.32 2.05 3.52
C LYS A 123 13.26 0.94 3.62
N THR A 124 12.13 1.07 2.93
CA THR A 124 11.22 -0.07 2.83
C THR A 124 11.98 -1.25 2.23
N PHE A 125 11.76 -2.44 2.79
CA PHE A 125 12.33 -3.63 2.20
C PHE A 125 11.44 -4.23 1.13
N LEU A 126 10.13 -3.93 1.16
CA LEU A 126 9.17 -4.42 0.18
C LEU A 126 8.48 -3.23 -0.47
N LYS A 127 8.58 -3.14 -1.79
CA LYS A 127 7.93 -2.10 -2.59
C LYS A 127 6.77 -2.74 -3.35
N CYS A 128 5.56 -2.45 -2.93
CA CYS A 128 4.35 -2.91 -3.60
C CYS A 128 3.73 -1.76 -4.37
N GLU A 129 3.14 -2.07 -5.53
CA GLU A 129 2.45 -1.06 -6.32
C GLU A 129 1.39 -1.75 -7.16
N ALA A 130 0.29 -1.04 -7.38
CA ALA A 130 -0.86 -1.55 -8.11
C ALA A 130 -1.16 -0.64 -9.30
N PRO A 131 -1.36 -1.19 -10.50
CA PRO A 131 -1.70 -0.34 -11.65
C PRO A 131 -3.15 0.12 -11.66
N ASN A 132 -4.00 -0.45 -10.83
CA ASN A 132 -5.40 -0.09 -10.78
C ASN A 132 -5.97 -0.55 -9.44
N TYR A 133 -7.27 -0.32 -9.25
CA TYR A 133 -7.97 -0.73 -8.03
C TYR A 133 -8.63 -2.10 -8.16
N SER A 134 -8.12 -2.97 -9.03
CA SER A 134 -8.77 -4.25 -9.26
C SER A 134 -8.49 -5.25 -8.15
N GLY A 135 -7.36 -5.10 -7.45
CA GLY A 135 -6.87 -6.08 -6.51
C GLY A 135 -5.53 -6.66 -6.88
N ARG A 136 -5.16 -6.63 -8.17
CA ARG A 136 -3.83 -7.03 -8.58
C ARG A 136 -2.81 -6.02 -8.06
N PHE A 137 -1.66 -6.54 -7.63
CA PHE A 137 -0.53 -5.70 -7.28
C PHE A 137 0.71 -6.57 -7.25
N THR A 138 1.87 -5.93 -7.40
CA THR A 138 3.14 -6.62 -7.41
C THR A 138 4.04 -6.02 -6.34
N CYS A 139 4.66 -6.87 -5.54
CA CYS A 139 5.65 -6.46 -4.55
C CYS A 139 7.02 -6.94 -5.00
N SER A 140 8.03 -6.07 -4.86
CA SER A 140 9.39 -6.37 -5.29
C SER A 140 10.36 -6.01 -4.17
N TRP A 141 11.50 -6.70 -4.18
CA TRP A 141 12.53 -6.47 -3.17
C TRP A 141 13.90 -6.68 -3.79
N LEU A 142 14.91 -6.09 -3.18
CA LEU A 142 16.29 -6.21 -3.61
C LEU A 142 17.02 -7.19 -2.71
N VAL A 143 17.90 -8.01 -3.31
CA VAL A 143 18.75 -8.93 -2.58
C VAL A 143 20.18 -8.40 -2.58
N GLN A 144 20.80 -8.36 -1.40
CA GLN A 144 22.21 -8.00 -1.34
C GLN A 144 23.04 -8.96 -2.18
N ARG A 145 22.70 -10.23 -2.16
CA ARG A 145 23.59 -11.29 -2.59
C ARG A 145 22.73 -12.46 -3.05
N ASN A 146 22.81 -12.80 -4.34
CA ASN A 146 21.87 -13.74 -4.96
C ASN A 146 22.50 -15.12 -5.09
N MET A 147 22.46 -15.87 -3.99
CA MET A 147 22.85 -17.28 -3.98
C MET A 147 21.88 -18.05 -3.11
N ASP A 148 21.41 -19.20 -3.61
CA ASP A 148 20.62 -20.14 -2.81
C ASP A 148 19.47 -19.43 -2.10
N LEU A 149 18.73 -18.63 -2.86
CA LEU A 149 17.64 -17.83 -2.33
C LEU A 149 16.31 -18.49 -2.63
N LYS A 150 15.50 -18.67 -1.58
CA LYS A 150 14.15 -19.20 -1.70
C LYS A 150 13.20 -18.23 -1.00
N PHE A 151 12.11 -17.89 -1.68
CA PHE A 151 11.18 -16.88 -1.20
C PHE A 151 9.77 -17.44 -1.12
N ASN A 152 9.04 -17.04 -0.08
CA ASN A 152 7.64 -17.40 0.10
C ASN A 152 6.93 -16.21 0.72
N ILE A 153 5.90 -15.71 0.04
CA ILE A 153 5.15 -14.55 0.50
C ILE A 153 3.68 -14.93 0.65
N LYS A 154 3.04 -14.38 1.67
CA LYS A 154 1.68 -14.76 2.02
C LYS A 154 1.07 -13.69 2.92
N SER A 155 -0.25 -13.73 3.03
CA SER A 155 -0.94 -12.84 3.96
C SER A 155 -0.56 -13.18 5.39
N SER A 156 -0.31 -12.15 6.20
CA SER A 156 0.30 -12.31 7.51
C SER A 156 -0.70 -12.45 8.64
N SER A 157 -1.99 -12.22 8.39
CA SER A 157 -3.01 -12.24 9.42
C SER A 157 -4.01 -13.35 9.14
N SER A 158 -4.23 -14.21 10.13
CA SER A 158 -5.26 -15.24 10.09
C SER A 158 -6.54 -14.82 10.78
N SER A 159 -6.60 -13.61 11.33
CA SER A 159 -7.81 -13.13 11.97
C SER A 159 -8.96 -13.14 10.98
N PRO A 160 -10.18 -13.44 11.44
CA PRO A 160 -11.32 -13.44 10.49
C PRO A 160 -11.51 -12.11 9.79
N ASP A 161 -11.36 -10.99 10.52
CA ASP A 161 -11.43 -9.66 9.94
C ASP A 161 -10.07 -9.32 9.31
N SER A 162 -9.78 -10.02 8.22
CA SER A 162 -8.52 -9.81 7.51
C SER A 162 -8.74 -10.04 6.02
N ARG A 163 -8.19 -9.15 5.21
CA ARG A 163 -8.26 -9.31 3.77
C ARG A 163 -7.35 -10.45 3.32
N ALA A 164 -7.88 -11.30 2.45
CA ALA A 164 -7.16 -12.46 1.96
C ALA A 164 -6.44 -12.11 0.65
N VAL A 165 -5.16 -12.44 0.58
CA VAL A 165 -4.35 -12.19 -0.61
C VAL A 165 -3.57 -13.46 -0.92
N THR A 166 -3.70 -13.95 -2.15
CA THR A 166 -2.91 -15.07 -2.65
C THR A 166 -1.90 -14.54 -3.65
N CYS A 167 -0.65 -14.98 -3.50
CA CYS A 167 0.44 -14.52 -4.35
C CYS A 167 1.03 -15.72 -5.10
N GLY A 168 1.58 -15.44 -6.28
CA GLY A 168 2.28 -16.44 -7.05
C GLY A 168 3.68 -16.65 -6.53
N MET A 169 4.54 -17.19 -7.39
CA MET A 169 5.93 -17.42 -7.05
C MET A 169 6.80 -16.22 -7.43
N ALA A 170 7.92 -16.10 -6.73
CA ALA A 170 8.83 -14.99 -6.96
C ALA A 170 9.77 -15.30 -8.11
N SER A 171 9.98 -14.30 -8.97
CA SER A 171 10.87 -14.42 -10.11
C SER A 171 11.90 -13.32 -10.06
N LEU A 172 13.12 -13.63 -10.50
CA LEU A 172 14.17 -12.64 -10.58
C LEU A 172 13.96 -11.76 -11.81
N SER A 173 14.29 -10.48 -11.67
CA SER A 173 14.13 -9.50 -12.73
C SER A 173 15.44 -9.32 -13.46
N ALA A 174 15.39 -9.36 -14.80
CA ALA A 174 16.59 -9.10 -15.59
C ALA A 174 17.08 -7.68 -15.39
N GLU A 175 16.19 -6.76 -15.02
CA GLU A 175 16.56 -5.37 -14.78
C GLU A 175 17.04 -5.24 -13.33
N LYS A 176 18.34 -5.00 -13.17
CA LYS A 176 18.87 -4.73 -11.83
C LYS A 176 18.45 -3.34 -11.37
N VAL A 177 18.77 -3.03 -10.11
CA VAL A 177 18.45 -1.75 -9.50
C VAL A 177 19.72 -1.18 -8.88
N THR A 178 19.97 0.10 -9.12
CA THR A 178 21.14 0.78 -8.57
C THR A 178 20.73 1.70 -7.43
N LEU A 179 21.58 1.77 -6.40
CA LEU A 179 21.32 2.60 -5.23
C LEU A 179 22.59 2.71 -4.39
N ASP A 180 22.92 3.93 -3.97
CA ASP A 180 24.14 4.18 -3.19
C ASP A 180 25.35 3.59 -3.90
N GLN A 181 25.59 4.08 -5.11
CA GLN A 181 26.70 3.67 -5.97
C GLN A 181 26.92 2.16 -5.90
N ARG A 182 25.82 1.42 -6.05
CA ARG A 182 25.90 -0.03 -6.11
C ARG A 182 24.64 -0.58 -6.75
N ASP A 183 24.80 -1.64 -7.54
CA ASP A 183 23.69 -2.27 -8.25
C ASP A 183 23.30 -3.57 -7.55
N TYR A 184 21.99 -3.81 -7.45
CA TYR A 184 21.45 -4.98 -6.77
C TYR A 184 20.46 -5.69 -7.66
N GLU A 185 20.34 -7.00 -7.46
CA GLU A 185 19.37 -7.81 -8.19
C GLU A 185 18.00 -7.72 -7.51
N LYS A 186 16.95 -7.74 -8.33
CA LYS A 186 15.59 -7.51 -7.87
C LYS A 186 14.72 -8.73 -8.14
N TYR A 187 13.96 -9.15 -7.13
CA TYR A 187 12.91 -10.15 -7.28
C TYR A 187 11.55 -9.47 -7.14
N SER A 188 10.53 -10.11 -7.71
CA SER A 188 9.18 -9.58 -7.64
C SER A 188 8.18 -10.72 -7.65
N VAL A 189 6.95 -10.41 -7.22
CA VAL A 189 5.87 -11.39 -7.14
C VAL A 189 4.56 -10.68 -7.43
N SER A 190 3.67 -11.37 -8.13
CA SER A 190 2.34 -10.85 -8.43
C SER A 190 1.33 -11.42 -7.43
N CYS A 191 0.51 -10.53 -6.86
CA CYS A 191 -0.48 -10.90 -5.87
C CYS A 191 -1.87 -10.43 -6.30
N GLN A 192 -2.89 -11.06 -5.72
CA GLN A 192 -4.27 -10.78 -6.08
C GLN A 192 -5.17 -11.01 -4.87
N GLU A 193 -5.87 -9.96 -4.45
CA GLU A 193 -6.81 -10.09 -3.34
C GLU A 193 -8.00 -10.94 -3.77
N ASP A 194 -8.34 -11.95 -2.96
CA ASP A 194 -9.48 -12.80 -3.27
C ASP A 194 -10.74 -11.96 -3.41
N VAL A 195 -11.31 -11.96 -4.62
CA VAL A 195 -12.34 -10.99 -4.97
C VAL A 195 -13.59 -11.25 -4.15
N THR A 196 -13.96 -10.26 -3.34
CA THR A 196 -15.22 -10.24 -2.62
C THR A 196 -16.18 -9.29 -3.35
N CYS A 197 -17.25 -8.87 -2.68
CA CYS A 197 -18.08 -7.81 -3.24
C CYS A 197 -17.37 -6.47 -3.10
N PRO A 198 -17.53 -5.57 -4.08
CA PRO A 198 -16.70 -4.36 -4.08
C PRO A 198 -17.05 -3.40 -2.96
N THR A 199 -16.05 -2.63 -2.54
CA THR A 199 -16.21 -1.56 -1.57
C THR A 199 -15.59 -0.28 -2.14
N ALA A 200 -16.17 0.86 -1.75
CA ALA A 200 -15.67 2.13 -2.27
C ALA A 200 -14.36 2.54 -1.62
N GLU A 201 -14.12 2.13 -0.37
CA GLU A 201 -12.86 2.35 0.32
C GLU A 201 -12.34 1.05 0.89
N GLU A 202 -11.15 1.12 1.49
CA GLU A 202 -10.51 -0.02 2.14
C GLU A 202 -10.49 0.27 3.64
N THR A 203 -11.13 -0.60 4.42
CA THR A 203 -11.16 -0.42 5.86
C THR A 203 -9.85 -0.87 6.50
N LEU A 204 -9.50 -2.17 6.32
CA LEU A 204 -8.32 -2.77 6.91
C LEU A 204 -7.19 -2.84 5.89
N PRO A 205 -5.94 -2.75 6.33
CA PRO A 205 -4.82 -2.81 5.39
C PRO A 205 -4.49 -4.24 5.00
N ILE A 206 -3.86 -4.38 3.83
CA ILE A 206 -3.35 -5.67 3.38
C ILE A 206 -2.03 -5.91 4.10
N GLU A 207 -1.95 -7.00 4.86
CA GLU A 207 -0.78 -7.34 5.66
C GLU A 207 -0.10 -8.55 5.04
N LEU A 208 1.07 -8.34 4.46
CA LEU A 208 1.84 -9.40 3.82
C LEU A 208 3.10 -9.68 4.62
N ALA A 209 3.63 -10.90 4.43
CA ALA A 209 4.87 -11.32 5.07
C ALA A 209 5.69 -12.14 4.08
N LEU A 210 6.98 -11.87 4.03
CA LEU A 210 7.90 -12.54 3.12
C LEU A 210 8.96 -13.30 3.92
N GLU A 211 9.15 -14.57 3.58
CA GLU A 211 10.19 -15.39 4.17
C GLU A 211 11.33 -15.52 3.17
N ALA A 212 12.53 -15.09 3.58
CA ALA A 212 13.72 -15.18 2.75
C ALA A 212 14.68 -16.18 3.37
N ARG A 213 15.27 -17.03 2.53
CA ARG A 213 16.12 -18.13 2.99
C ARG A 213 17.41 -18.16 2.18
N GLN A 214 18.40 -17.39 2.62
CA GLN A 214 19.77 -17.61 2.18
C GLN A 214 20.28 -18.92 2.75
N GLN A 215 21.36 -19.44 2.17
CA GLN A 215 21.91 -20.71 2.62
C GLN A 215 22.16 -20.66 4.13
N ASN A 216 21.46 -21.51 4.87
CA ASN A 216 21.59 -21.65 6.31
C ASN A 216 21.20 -20.41 7.09
N LYS A 217 20.54 -19.44 6.45
CA LYS A 217 20.06 -18.24 7.14
C LYS A 217 18.58 -18.07 6.82
N TYR A 218 17.79 -17.82 7.85
CA TYR A 218 16.37 -17.52 7.72
C TYR A 218 16.10 -16.11 8.22
N GLU A 219 15.28 -15.38 7.47
CA GLU A 219 14.78 -14.07 7.87
C GLU A 219 13.36 -13.95 7.36
N ASN A 220 12.58 -13.05 7.98
CA ASN A 220 11.28 -12.73 7.42
C ASN A 220 11.01 -11.24 7.54
N TYR A 221 10.37 -10.70 6.51
CA TYR A 221 10.05 -9.29 6.38
C TYR A 221 8.54 -9.17 6.18
N SER A 222 7.94 -8.13 6.75
CA SER A 222 6.50 -7.93 6.67
C SER A 222 6.21 -6.50 6.23
N THR A 223 5.01 -6.31 5.68
CA THR A 223 4.57 -4.98 5.26
C THR A 223 3.06 -4.89 5.39
N SER A 224 2.57 -3.66 5.51
CA SER A 224 1.14 -3.37 5.59
C SER A 224 0.87 -2.16 4.72
N PHE A 225 -0.16 -2.23 3.89
CA PHE A 225 -0.42 -1.17 2.94
C PHE A 225 -1.88 -1.18 2.51
N PHE A 226 -2.30 -0.05 1.96
CA PHE A 226 -3.59 0.08 1.30
C PHE A 226 -3.37 0.25 -0.19
N ILE A 227 -4.25 -0.32 -0.99
CA ILE A 227 -4.11 -0.17 -2.44
C ILE A 227 -4.09 1.32 -2.79
N ARG A 228 -4.94 2.11 -2.12
CA ARG A 228 -5.02 3.54 -2.41
C ARG A 228 -3.66 4.23 -2.30
N ASP A 229 -2.72 3.68 -1.52
CA ASP A 229 -1.40 4.27 -1.38
C ASP A 229 -0.35 3.68 -2.29
N ILE A 230 -0.61 2.48 -2.85
CA ILE A 230 0.34 1.86 -3.76
C ILE A 230 -0.06 2.05 -5.23
N ILE A 231 -1.13 2.80 -5.50
CA ILE A 231 -1.56 3.01 -6.88
C ILE A 231 -0.49 3.77 -7.63
N LYS A 232 0.09 3.13 -8.64
CA LYS A 232 0.99 3.79 -9.58
C LYS A 232 0.40 3.61 -10.97
N PRO A 233 -0.27 4.63 -11.52
CA PRO A 233 -0.90 4.46 -12.84
C PRO A 233 0.13 4.18 -13.92
N ASP A 234 -0.27 3.40 -14.91
CA ASP A 234 0.60 3.13 -16.04
C ASP A 234 0.74 4.38 -16.90
N PRO A 235 1.77 4.44 -17.73
CA PRO A 235 1.98 5.65 -18.53
C PRO A 235 0.79 5.92 -19.42
N PRO A 236 0.57 7.17 -19.81
CA PRO A 236 -0.51 7.46 -20.76
C PRO A 236 -0.23 6.85 -22.11
N LYS A 237 -1.29 6.57 -22.86
CA LYS A 237 -1.21 5.90 -24.14
C LYS A 237 -1.70 6.83 -25.25
N ASN A 238 -1.30 6.50 -26.48
CA ASN A 238 -1.76 7.20 -27.67
C ASN A 238 -1.59 8.71 -27.55
N LEU A 239 -0.33 9.12 -27.33
CA LEU A 239 -0.02 10.53 -27.22
C LEU A 239 0.16 11.11 -28.62
N GLN A 240 -0.68 12.08 -28.98
CA GLN A 240 -0.63 12.73 -30.27
C GLN A 240 -0.65 14.25 -30.08
N MET A 241 -0.26 14.95 -31.13
CA MET A 241 -0.18 16.40 -31.11
C MET A 241 -0.58 16.94 -32.47
N LYS A 242 -1.35 18.04 -32.46
CA LYS A 242 -1.81 18.69 -33.68
C LYS A 242 -1.42 20.16 -33.65
N PRO A 243 -0.76 20.67 -34.69
CA PRO A 243 -0.37 22.09 -34.68
C PRO A 243 -1.59 23.00 -34.66
N LEU A 244 -1.54 24.01 -33.78
CA LEU A 244 -2.60 24.98 -33.62
C LEU A 244 -2.13 26.34 -34.17
N LYS A 245 -2.80 27.41 -33.76
CA LYS A 245 -2.49 28.74 -34.25
C LYS A 245 -1.02 29.11 -34.03
N GLN A 248 1.97 26.92 -30.23
CA GLN A 248 0.55 26.61 -30.19
C GLN A 248 0.27 25.24 -30.80
N VAL A 249 0.15 24.22 -29.95
CA VAL A 249 -0.15 22.86 -30.38
C VAL A 249 -1.11 22.25 -29.37
N GLU A 250 -1.98 21.37 -29.86
CA GLU A 250 -2.91 20.63 -29.01
C GLU A 250 -2.35 19.22 -28.81
N VAL A 251 -1.91 18.92 -27.59
CA VAL A 251 -1.36 17.62 -27.24
C VAL A 251 -2.46 16.78 -26.61
N SER A 252 -2.68 15.59 -27.14
CA SER A 252 -3.77 14.72 -26.72
C SER A 252 -3.23 13.36 -26.33
N TRP A 253 -3.66 12.85 -25.17
CA TRP A 253 -3.33 11.52 -24.70
C TRP A 253 -4.61 10.78 -24.32
N GLU A 254 -4.45 9.55 -23.83
CA GLU A 254 -5.58 8.74 -23.44
C GLU A 254 -5.28 8.01 -22.14
N TYR A 255 -6.33 7.67 -21.40
CA TYR A 255 -6.16 6.92 -20.16
C TYR A 255 -5.50 5.57 -20.45
N PRO A 256 -4.68 5.07 -19.53
CA PRO A 256 -4.09 3.74 -19.73
C PRO A 256 -5.16 2.65 -19.75
N ASP A 257 -4.97 1.66 -20.62
CA ASP A 257 -5.92 0.55 -20.69
C ASP A 257 -5.94 -0.27 -19.41
N SER A 258 -4.82 -0.31 -18.68
CA SER A 258 -4.78 -1.05 -17.42
C SER A 258 -5.51 -0.32 -16.30
N TRP A 259 -5.85 0.94 -16.48
CA TRP A 259 -6.52 1.70 -15.44
C TRP A 259 -7.95 1.22 -15.24
N SER A 260 -8.45 1.41 -14.02
CA SER A 260 -9.79 0.93 -13.68
C SER A 260 -10.86 1.71 -14.45
N THR A 261 -11.97 1.03 -14.70
CA THR A 261 -13.16 1.64 -15.29
C THR A 261 -14.32 1.50 -14.32
N PRO A 262 -15.29 2.44 -14.34
CA PRO A 262 -15.40 3.61 -15.24
C PRO A 262 -14.40 4.72 -14.96
N HIS A 263 -13.81 5.28 -16.02
CA HIS A 263 -12.87 6.38 -15.86
C HIS A 263 -13.54 7.61 -15.27
N SER A 264 -14.87 7.72 -15.36
CA SER A 264 -15.57 8.82 -14.72
C SER A 264 -15.45 8.74 -13.21
N TYR A 265 -15.64 7.54 -12.65
CA TYR A 265 -15.44 7.34 -11.22
C TYR A 265 -13.95 7.36 -10.88
N PHE A 266 -13.13 6.68 -11.66
CA PHE A 266 -11.69 6.60 -11.42
C PHE A 266 -10.98 7.67 -12.24
N SER A 267 -11.24 8.92 -11.87
CA SER A 267 -10.67 10.05 -12.58
C SER A 267 -9.16 10.11 -12.38
N LEU A 268 -8.45 10.57 -13.41
CA LEU A 268 -7.01 10.73 -13.37
C LEU A 268 -6.64 12.18 -13.62
N LYS A 269 -5.45 12.55 -13.15
CA LYS A 269 -4.87 13.85 -13.41
C LYS A 269 -3.57 13.65 -14.18
N PHE A 270 -3.18 14.66 -14.95
CA PHE A 270 -2.03 14.56 -15.84
C PHE A 270 -1.14 15.78 -15.69
N PHE A 271 0.14 15.54 -15.46
CA PHE A 271 1.15 16.60 -15.44
C PHE A 271 1.91 16.57 -16.77
N VAL A 272 2.12 17.76 -17.35
CA VAL A 272 2.75 17.89 -18.65
C VAL A 272 3.98 18.78 -18.50
N ARG A 273 5.04 18.43 -19.22
CA ARG A 273 6.26 19.23 -19.25
C ARG A 273 6.82 19.23 -20.67
N ILE A 274 7.59 20.26 -20.99
CA ILE A 274 8.19 20.41 -22.32
C ILE A 274 9.70 20.38 -22.18
N GLN A 275 10.37 19.92 -23.24
CA GLN A 275 11.84 19.97 -23.30
C GLN A 275 12.31 19.98 -24.74
N GLY A 287 9.66 9.86 -8.66
CA GLY A 287 8.43 10.15 -9.35
C GLY A 287 7.77 11.44 -8.88
N CYS A 288 6.73 11.86 -9.61
CA CYS A 288 6.00 13.10 -9.29
C CYS A 288 6.92 14.31 -9.19
N ASN A 289 8.04 14.29 -9.94
CA ASN A 289 9.02 15.36 -9.82
C ASN A 289 8.38 16.71 -10.13
N GLN A 290 7.67 16.80 -11.26
CA GLN A 290 6.89 17.98 -11.61
C GLN A 290 7.74 19.25 -11.52
N LYS A 291 8.93 19.20 -12.11
CA LYS A 291 9.84 20.34 -12.16
C LYS A 291 9.66 21.02 -13.51
N GLY A 292 9.12 22.24 -13.50
CA GLY A 292 8.74 22.88 -14.74
C GLY A 292 7.55 22.27 -15.42
N ALA A 293 6.69 21.60 -14.64
CA ALA A 293 5.54 20.89 -15.18
C ALA A 293 4.25 21.53 -14.67
N PHE A 294 3.20 21.42 -15.47
CA PHE A 294 1.88 21.95 -15.15
C PHE A 294 0.86 20.84 -15.21
N LEU A 295 -0.30 21.09 -14.59
CA LEU A 295 -1.34 20.09 -14.46
C LEU A 295 -2.46 20.33 -15.47
N VAL A 296 -3.00 19.24 -16.00
CA VAL A 296 -4.18 19.26 -16.85
C VAL A 296 -5.05 18.07 -16.46
N GLU A 297 -6.27 18.34 -15.99
CA GLU A 297 -7.18 17.28 -15.57
C GLU A 297 -7.94 16.65 -16.73
N LYS A 298 -7.66 17.05 -17.97
CA LYS A 298 -8.31 16.50 -19.14
C LYS A 298 -7.28 15.73 -19.98
N THR A 299 -7.78 15.10 -21.04
CA THR A 299 -6.93 14.32 -21.92
C THR A 299 -6.11 15.19 -22.87
N SER A 300 -6.25 16.51 -22.82
CA SER A 300 -5.57 17.35 -23.80
C SER A 300 -5.40 18.76 -23.22
N THR A 301 -4.39 19.45 -23.76
CA THR A 301 -4.15 20.85 -23.45
C THR A 301 -3.43 21.49 -24.64
N GLU A 302 -3.21 22.79 -24.55
CA GLU A 302 -2.53 23.56 -25.60
C GLU A 302 -1.25 24.14 -25.03
N VAL A 303 -0.11 23.65 -25.51
CA VAL A 303 1.19 24.11 -25.07
C VAL A 303 1.88 24.80 -26.25
N GLN A 304 2.94 25.54 -25.94
CA GLN A 304 3.72 26.27 -26.94
C GLN A 304 5.16 25.79 -26.89
N CYS A 305 5.63 25.19 -27.98
CA CYS A 305 6.96 24.60 -28.05
C CYS A 305 7.42 24.59 -29.49
N LYS A 306 8.73 24.73 -29.69
CA LYS A 306 9.35 24.61 -31.00
C LYS A 306 10.56 23.70 -30.87
N GLY A 307 10.57 22.60 -31.62
CA GLY A 307 11.66 21.65 -31.55
C GLY A 307 11.76 20.99 -30.19
N GLY A 308 10.73 21.17 -29.36
CA GLY A 308 10.74 20.60 -28.03
C GLY A 308 10.05 19.25 -27.98
N ASN A 309 10.27 18.56 -26.87
CA ASN A 309 9.63 17.28 -26.61
C ASN A 309 8.67 17.45 -25.44
N VAL A 310 7.42 17.05 -25.63
CA VAL A 310 6.39 17.16 -24.60
C VAL A 310 6.23 15.83 -23.90
N CYS A 311 6.06 15.87 -22.58
CA CYS A 311 5.94 14.67 -21.76
C CYS A 311 4.70 14.79 -20.90
N VAL A 312 4.03 13.66 -20.68
CA VAL A 312 2.82 13.61 -19.86
C VAL A 312 2.96 12.43 -18.89
N GLN A 313 2.63 12.68 -17.62
CA GLN A 313 2.53 11.64 -16.61
C GLN A 313 1.12 11.68 -16.03
N ALA A 314 0.73 10.59 -15.39
CA ALA A 314 -0.61 10.43 -14.85
C ALA A 314 -0.56 10.19 -13.35
N GLN A 315 -1.72 10.38 -12.71
CA GLN A 315 -1.87 10.20 -11.27
C GLN A 315 -3.36 10.22 -10.96
N ASP A 316 -3.72 9.63 -9.84
CA ASP A 316 -5.10 9.69 -9.37
C ASP A 316 -5.50 11.14 -9.14
N ARG A 317 -6.65 11.52 -9.70
CA ARG A 317 -7.08 12.92 -9.62
C ARG A 317 -7.35 13.37 -8.20
N TYR A 318 -7.63 12.46 -7.29
CA TYR A 318 -8.07 12.82 -5.95
C TYR A 318 -7.11 12.41 -4.85
N TYR A 319 -6.55 11.21 -4.90
CA TYR A 319 -5.62 10.76 -3.88
C TYR A 319 -4.19 11.07 -4.32
N ASN A 320 -3.40 11.62 -3.41
CA ASN A 320 -2.01 12.00 -3.69
C ASN A 320 -1.14 10.74 -3.65
N SER A 321 -1.35 9.89 -4.65
CA SER A 321 -0.66 8.61 -4.78
C SER A 321 0.58 8.80 -5.66
N SER A 322 1.16 7.69 -6.11
CA SER A 322 2.33 7.77 -6.98
C SER A 322 1.92 8.20 -8.39
N CYS A 323 2.87 8.83 -9.09
CA CYS A 323 2.64 9.30 -10.45
C CYS A 323 3.19 8.30 -11.45
N SER A 324 2.61 8.33 -12.65
CA SER A 324 3.03 7.42 -13.70
C SER A 324 4.44 7.78 -14.18
N LYS A 325 5.03 6.85 -14.93
CA LYS A 325 6.24 7.18 -15.68
C LYS A 325 5.88 8.10 -16.84
N TRP A 326 6.88 8.85 -17.29
CA TRP A 326 6.65 9.85 -18.32
C TRP A 326 6.48 9.20 -19.69
N ALA A 327 5.53 9.72 -20.45
CA ALA A 327 5.28 9.30 -21.84
C ALA A 327 5.60 10.52 -22.71
N CYS A 328 6.86 10.62 -23.12
CA CYS A 328 7.34 11.77 -23.88
C CYS A 328 7.10 11.58 -25.37
N VAL A 329 7.03 12.71 -26.09
CA VAL A 329 6.84 12.73 -27.54
C VAL A 329 7.34 14.08 -28.07
N PRO A 330 8.01 14.13 -29.21
CA PRO A 330 8.51 15.41 -29.72
C PRO A 330 7.37 16.30 -30.21
N CYS A 331 7.67 17.58 -30.31
CA CYS A 331 6.69 18.61 -30.69
C CYS A 331 7.22 19.38 -31.88
N ARG A 332 6.44 19.39 -32.96
CA ARG A 332 6.82 20.07 -34.21
C ARG A 332 6.62 21.58 -34.11
N ALA B 31 -26.94 18.22 -10.20
CA ALA B 31 -25.59 18.56 -10.60
C ALA B 31 -25.06 19.76 -9.84
N ARG B 32 -23.90 20.28 -10.25
CA ARG B 32 -23.27 21.46 -9.67
C ARG B 32 -22.74 21.21 -8.27
N CYS B 33 -23.11 20.07 -7.66
CA CYS B 33 -22.50 19.68 -6.41
C CYS B 33 -21.05 19.22 -6.58
N LEU B 34 -20.59 19.09 -7.83
CA LEU B 34 -19.20 18.72 -8.07
C LEU B 34 -18.26 19.80 -7.56
N SER B 35 -18.58 21.07 -7.83
CA SER B 35 -17.72 22.16 -7.39
C SER B 35 -17.58 22.19 -5.87
N GLN B 36 -18.64 21.83 -5.15
CA GLN B 36 -18.58 21.84 -3.69
C GLN B 36 -17.73 20.68 -3.17
N SER B 37 -17.78 19.53 -3.85
CA SER B 37 -16.94 18.41 -3.46
C SER B 37 -15.48 18.69 -3.79
N ARG B 38 -15.22 19.35 -4.93
CA ARG B 38 -13.85 19.72 -5.27
C ARG B 38 -13.29 20.72 -4.27
N ASN B 39 -14.09 21.75 -3.94
CA ASN B 39 -13.63 22.74 -2.95
C ASN B 39 -13.42 22.08 -1.59
N LEU B 40 -14.29 21.12 -1.25
CA LEU B 40 -14.08 20.37 -0.01
C LEU B 40 -12.78 19.57 -0.06
N LEU B 41 -12.46 19.01 -1.23
CA LEU B 41 -11.18 18.31 -1.39
C LEU B 41 -10.01 19.27 -1.22
N LYS B 42 -10.13 20.48 -1.80
CA LYS B 42 -9.06 21.46 -1.68
C LYS B 42 -8.92 21.96 -0.25
N THR B 43 -10.03 22.35 0.38
CA THR B 43 -9.97 22.85 1.74
C THR B 43 -9.51 21.78 2.73
N THR B 44 -9.73 20.50 2.41
CA THR B 44 -9.28 19.43 3.29
C THR B 44 -7.79 19.16 3.10
N ASP B 45 -7.33 19.16 1.84
CA ASP B 45 -5.93 18.83 1.58
C ASP B 45 -5.00 19.89 2.15
N ASP B 46 -5.29 21.16 1.91
CA ASP B 46 -4.46 22.20 2.50
C ASP B 46 -4.67 22.32 4.01
N MET B 47 -5.73 21.70 4.54
CA MET B 47 -5.88 21.65 5.99
C MET B 47 -5.02 20.54 6.60
N VAL B 48 -4.96 19.37 5.96
CA VAL B 48 -4.09 18.32 6.47
C VAL B 48 -2.64 18.74 6.28
N LYS B 49 -2.34 19.54 5.26
CA LYS B 49 -1.01 20.13 5.14
C LYS B 49 -0.72 21.03 6.33
N THR B 50 -1.71 21.82 6.77
CA THR B 50 -1.55 22.60 7.99
C THR B 50 -1.37 21.70 9.20
N ALA B 51 -1.91 20.48 9.16
CA ALA B 51 -1.81 19.56 10.29
C ALA B 51 -0.43 18.93 10.39
N ARG B 52 0.00 18.25 9.32
CA ARG B 52 1.29 17.58 9.36
C ARG B 52 2.47 18.54 9.35
N GLU B 53 2.22 19.84 9.24
CA GLU B 53 3.26 20.86 9.36
C GLU B 53 3.37 21.37 10.79
N LYS B 54 2.25 21.80 11.38
CA LYS B 54 2.28 22.33 12.74
C LYS B 54 2.44 21.21 13.76
N LEU B 55 1.83 20.06 13.51
CA LEU B 55 1.89 18.93 14.44
C LEU B 55 2.99 17.96 14.01
N LYS B 56 4.21 18.48 13.95
CA LYS B 56 5.35 17.66 13.59
C LYS B 56 5.73 16.73 14.73
N HIS B 57 6.21 15.54 14.37
CA HIS B 57 6.63 14.51 15.32
C HIS B 57 5.46 13.99 16.17
N TYR B 58 4.24 14.10 15.66
CA TYR B 58 3.06 13.56 16.31
C TYR B 58 2.55 12.31 15.60
N SER B 59 3.40 11.64 14.83
CA SER B 59 3.03 10.56 13.93
C SER B 59 2.01 10.99 12.89
N CYS B 60 1.76 12.29 12.74
CA CYS B 60 0.80 12.78 11.76
C CYS B 60 1.38 12.69 10.36
N THR B 61 2.57 13.23 10.16
CA THR B 61 3.26 13.13 8.88
C THR B 61 3.85 11.74 8.66
N ALA B 62 4.07 10.97 9.72
CA ALA B 62 4.66 9.65 9.58
C ALA B 62 3.69 8.62 9.01
N GLU B 63 2.40 8.93 8.97
CA GLU B 63 1.36 8.04 8.46
C GLU B 63 1.27 6.73 9.24
N ASP B 64 1.99 6.62 10.36
CA ASP B 64 1.88 5.42 11.19
C ASP B 64 0.55 5.36 11.92
N ILE B 65 -0.15 6.49 12.04
CA ILE B 65 -1.46 6.49 12.68
C ILE B 65 -2.40 5.55 11.93
N ASP B 66 -3.15 4.76 12.70
CA ASP B 66 -4.08 3.81 12.09
C ASP B 66 -5.23 4.53 11.42
N HIS B 67 -5.65 4.02 10.27
CA HIS B 67 -6.82 4.54 9.58
C HIS B 67 -8.06 4.23 10.41
N GLU B 68 -8.66 5.26 11.00
CA GLU B 68 -9.80 5.11 11.89
C GLU B 68 -11.01 5.79 11.26
N ASP B 69 -11.95 5.01 10.76
CA ASP B 69 -13.21 5.54 10.28
C ASP B 69 -14.13 5.80 11.46
N ILE B 70 -14.63 7.03 11.57
CA ILE B 70 -15.53 7.39 12.65
C ILE B 70 -16.99 7.15 12.28
N THR B 71 -17.28 6.96 10.99
CA THR B 71 -18.63 6.65 10.53
C THR B 71 -18.87 5.14 10.38
N ARG B 72 -17.90 4.32 10.76
CA ARG B 72 -17.96 2.89 10.48
C ARG B 72 -19.24 2.24 10.96
N ASP B 73 -19.81 2.73 12.07
CA ASP B 73 -20.94 2.04 12.67
C ASP B 73 -22.23 2.25 11.88
N GLN B 74 -22.43 3.44 11.31
CA GLN B 74 -23.72 3.81 10.74
C GLN B 74 -23.62 4.32 9.30
N THR B 75 -22.57 3.95 8.58
CA THR B 75 -22.39 4.40 7.20
C THR B 75 -22.69 3.27 6.23
N SER B 76 -23.32 3.63 5.10
CA SER B 76 -23.48 2.75 3.96
C SER B 76 -22.70 3.26 2.76
N THR B 77 -21.67 4.09 3.00
CA THR B 77 -20.93 4.71 1.91
C THR B 77 -20.13 3.67 1.13
N LEU B 78 -19.46 2.76 1.82
CA LEU B 78 -18.56 1.83 1.15
C LEU B 78 -19.32 0.79 0.34
N LYS B 79 -20.53 0.44 0.76
CA LYS B 79 -21.29 -0.57 0.04
C LYS B 79 -22.06 0.01 -1.15
N THR B 80 -22.46 1.28 -1.06
CA THR B 80 -23.36 1.89 -2.04
C THR B 80 -22.69 2.86 -2.98
N CYS B 81 -21.73 3.64 -2.50
CA CYS B 81 -21.09 4.66 -3.34
C CYS B 81 -20.12 4.04 -4.34
N LEU B 82 -20.67 3.23 -5.25
CA LEU B 82 -19.90 2.54 -6.28
C LEU B 82 -20.65 2.67 -7.59
N PRO B 83 -19.92 2.77 -8.71
CA PRO B 83 -20.60 2.79 -10.01
C PRO B 83 -21.37 1.50 -10.26
N LEU B 84 -22.46 1.63 -11.02
CA LEU B 84 -23.29 0.47 -11.32
C LEU B 84 -22.56 -0.57 -12.16
N GLU B 85 -21.52 -0.16 -12.90
CA GLU B 85 -20.79 -1.12 -13.72
C GLU B 85 -20.06 -2.15 -12.86
N LEU B 86 -19.60 -1.75 -11.67
CA LEU B 86 -18.87 -2.68 -10.83
C LEU B 86 -19.78 -3.72 -10.18
N HIS B 87 -21.08 -3.46 -10.09
CA HIS B 87 -22.02 -4.40 -9.49
C HIS B 87 -22.40 -5.43 -10.56
N LYS B 88 -21.60 -6.49 -10.64
CA LYS B 88 -21.79 -7.52 -11.65
C LYS B 88 -22.51 -8.76 -11.12
N ASN B 89 -22.65 -8.89 -9.80
CA ASN B 89 -23.32 -10.03 -9.20
C ASN B 89 -24.58 -9.59 -8.48
N GLU B 90 -25.58 -10.47 -8.48
CA GLU B 90 -26.80 -10.20 -7.73
C GLU B 90 -26.57 -10.29 -6.23
N SER B 91 -25.62 -11.12 -5.80
CA SER B 91 -25.39 -11.35 -4.37
C SER B 91 -24.74 -10.16 -3.68
N CYS B 92 -24.29 -9.16 -4.42
CA CYS B 92 -23.67 -7.98 -3.81
C CYS B 92 -24.70 -6.86 -3.62
N ARG B 103 -33.70 13.87 0.70
CA ARG B 103 -33.00 13.82 -0.58
C ARG B 103 -32.16 15.08 -0.77
N GLY B 104 -31.54 15.18 -1.94
CA GLY B 104 -30.73 16.35 -2.26
C GLY B 104 -30.75 16.61 -3.75
N SER B 105 -30.44 17.84 -4.11
CA SER B 105 -30.38 18.25 -5.52
C SER B 105 -28.98 18.04 -6.09
N CYS B 106 -28.39 16.88 -5.82
CA CYS B 106 -27.11 16.48 -6.40
C CYS B 106 -27.23 15.32 -7.36
N LEU B 107 -28.21 14.43 -7.18
CA LEU B 107 -28.38 13.30 -8.09
C LEU B 107 -28.81 13.80 -9.47
N PRO B 108 -28.30 13.21 -10.54
CA PRO B 108 -28.71 13.65 -11.89
C PRO B 108 -30.15 13.29 -12.16
N PRO B 109 -30.95 14.23 -12.68
CA PRO B 109 -32.34 13.88 -13.02
C PRO B 109 -32.46 12.83 -14.11
N GLN B 110 -31.42 12.67 -14.94
CA GLN B 110 -31.51 11.73 -16.06
C GLN B 110 -31.43 10.29 -15.56
N LYS B 111 -30.59 10.02 -14.58
CA LYS B 111 -30.39 8.67 -14.05
C LYS B 111 -30.61 8.69 -12.54
N THR B 112 -31.60 7.94 -12.08
CA THR B 112 -31.91 7.83 -10.66
C THR B 112 -31.79 6.37 -10.24
N SER B 113 -31.08 6.13 -9.13
CA SER B 113 -30.88 4.79 -8.61
C SER B 113 -31.07 4.81 -7.10
N LEU B 114 -31.68 3.75 -6.57
CA LEU B 114 -31.82 3.64 -5.12
C LEU B 114 -30.45 3.56 -4.45
N MET B 115 -29.52 2.80 -5.04
CA MET B 115 -28.18 2.69 -4.46
C MET B 115 -27.48 4.04 -4.44
N MET B 116 -27.62 4.82 -5.50
CA MET B 116 -27.01 6.15 -5.52
C MET B 116 -27.74 7.10 -4.58
N THR B 117 -29.05 6.91 -4.39
CA THR B 117 -29.78 7.69 -3.40
C THR B 117 -29.29 7.37 -2.00
N LEU B 118 -29.05 6.08 -1.71
CA LEU B 118 -28.49 5.71 -0.42
C LEU B 118 -27.08 6.28 -0.26
N CYS B 119 -26.31 6.31 -1.35
CA CYS B 119 -24.95 6.83 -1.28
C CYS B 119 -24.95 8.29 -0.88
N LEU B 120 -25.78 9.12 -1.54
CA LEU B 120 -25.81 10.54 -1.22
C LEU B 120 -26.33 10.77 0.20
N GLY B 121 -27.30 9.97 0.62
CA GLY B 121 -27.80 10.11 1.99
C GLY B 121 -26.78 9.73 3.03
N SER B 122 -26.02 8.66 2.78
CA SER B 122 -24.98 8.27 3.72
C SER B 122 -23.87 9.31 3.78
N ILE B 123 -23.55 9.93 2.63
CA ILE B 123 -22.53 10.98 2.62
C ILE B 123 -22.94 12.14 3.51
N TYR B 124 -24.23 12.47 3.52
CA TYR B 124 -24.71 13.56 4.37
C TYR B 124 -24.46 13.24 5.83
N GLU B 125 -24.81 12.03 6.27
CA GLU B 125 -24.61 11.66 7.66
C GLU B 125 -23.14 11.64 8.02
N ASP B 126 -22.27 11.25 7.08
CA ASP B 126 -20.84 11.26 7.35
C ASP B 126 -20.35 12.67 7.60
N LEU B 127 -20.75 13.63 6.75
CA LEU B 127 -20.29 15.00 6.91
C LEU B 127 -20.80 15.60 8.22
N LYS B 128 -22.06 15.32 8.58
CA LYS B 128 -22.57 15.86 9.84
C LYS B 128 -21.78 15.31 11.02
N MET B 129 -21.43 14.01 10.97
CA MET B 129 -20.67 13.42 12.06
C MET B 129 -19.30 14.08 12.19
N TYR B 130 -18.62 14.29 11.06
CA TYR B 130 -17.34 14.98 11.08
C TYR B 130 -17.49 16.44 11.48
N GLN B 131 -18.62 17.06 11.14
CA GLN B 131 -18.83 18.46 11.54
C GLN B 131 -18.89 18.59 13.05
N THR B 132 -19.65 17.70 13.71
CA THR B 132 -19.77 17.78 15.17
C THR B 132 -18.43 17.54 15.84
N GLU B 133 -17.66 16.55 15.35
CA GLU B 133 -16.36 16.28 15.94
C GLU B 133 -15.41 17.46 15.73
N PHE B 134 -15.32 17.98 14.51
CA PHE B 134 -14.41 19.08 14.23
C PHE B 134 -14.75 20.30 15.08
N GLN B 135 -16.04 20.62 15.22
CA GLN B 135 -16.43 21.78 16.02
C GLN B 135 -16.01 21.63 17.47
N ALA B 136 -16.10 20.40 18.01
CA ALA B 136 -15.70 20.18 19.38
C ALA B 136 -14.18 20.25 19.54
N ILE B 137 -13.43 19.68 18.59
CA ILE B 137 -11.98 19.76 18.63
C ILE B 137 -11.53 21.21 18.50
N ASN B 138 -12.21 21.98 17.65
CA ASN B 138 -11.80 23.37 17.44
C ASN B 138 -11.94 24.19 18.72
N ALA B 139 -12.93 23.88 19.54
CA ALA B 139 -13.10 24.61 20.80
C ALA B 139 -11.91 24.39 21.72
N ALA B 140 -11.46 23.14 21.86
CA ALA B 140 -10.31 22.85 22.71
C ALA B 140 -9.03 23.43 22.12
N LEU B 141 -8.90 23.42 20.80
CA LEU B 141 -7.67 23.91 20.17
C LEU B 141 -7.59 25.44 20.25
N GLN B 142 -8.73 26.13 20.13
CA GLN B 142 -8.71 27.58 20.15
C GLN B 142 -8.20 28.12 21.48
N ASN B 143 -8.45 27.40 22.58
CA ASN B 143 -7.98 27.84 23.88
C ASN B 143 -6.47 27.64 24.02
N HIS B 144 -6.02 26.40 23.91
CA HIS B 144 -4.60 26.09 23.99
C HIS B 144 -3.88 26.52 22.71
N GLN B 147 -3.01 27.26 19.78
CA GLN B 147 -1.74 27.89 19.46
C GLN B 147 -1.11 27.27 18.22
N GLN B 148 -0.73 25.99 18.33
CA GLN B 148 -0.02 25.35 17.24
C GLN B 148 -0.92 25.12 16.04
N ILE B 149 -2.18 24.74 16.27
CA ILE B 149 -3.08 24.32 15.21
C ILE B 149 -4.44 24.97 15.38
N ILE B 150 -5.08 25.26 14.25
CA ILE B 150 -6.43 25.82 14.21
C ILE B 150 -7.12 25.28 12.96
N LEU B 151 -8.39 24.90 13.11
CA LEU B 151 -9.12 24.30 12.01
C LEU B 151 -9.52 25.36 10.98
N ASP B 152 -9.40 24.99 9.71
CA ASP B 152 -9.71 25.92 8.63
C ASP B 152 -11.19 26.23 8.61
N LYS B 153 -11.53 27.53 8.59
CA LYS B 153 -12.93 27.92 8.44
C LYS B 153 -13.45 27.57 7.06
N GLY B 154 -12.59 27.56 6.04
CA GLY B 154 -13.02 27.19 4.71
C GLY B 154 -13.48 25.74 4.63
N MET B 155 -12.76 24.84 5.28
CA MET B 155 -13.17 23.43 5.31
C MET B 155 -14.47 23.26 6.09
N LEU B 156 -14.62 24.02 7.19
CA LEU B 156 -15.84 23.90 8.00
C LEU B 156 -17.06 24.39 7.25
N VAL B 157 -16.91 25.45 6.46
CA VAL B 157 -18.04 25.93 5.65
C VAL B 157 -18.19 25.10 4.37
N ALA B 158 -17.16 24.37 3.96
CA ALA B 158 -17.26 23.53 2.77
C ALA B 158 -18.08 22.27 3.08
N ILE B 159 -17.91 21.69 4.27
CA ILE B 159 -18.70 20.51 4.62
C ILE B 159 -20.17 20.91 4.78
N ASP B 160 -20.42 22.13 5.24
CA ASP B 160 -21.80 22.56 5.45
C ASP B 160 -22.49 22.87 4.13
N GLU B 161 -21.81 23.55 3.22
CA GLU B 161 -22.44 23.89 1.94
C GLU B 161 -22.73 22.63 1.12
N LEU B 162 -21.88 21.61 1.21
CA LEU B 162 -22.17 20.34 0.54
C LEU B 162 -23.25 19.57 1.28
N MET B 163 -23.29 19.70 2.61
CA MET B 163 -24.36 19.06 3.37
C MET B 163 -25.73 19.61 2.98
N GLN B 164 -25.84 20.93 2.80
CA GLN B 164 -27.11 21.53 2.45
C GLN B 164 -27.58 21.07 1.06
N SER B 165 -26.65 20.96 0.11
CA SER B 165 -27.01 20.48 -1.22
C SER B 165 -27.48 19.04 -1.18
N LEU B 166 -26.99 18.25 -0.22
CA LEU B 166 -27.46 16.89 -0.04
C LEU B 166 -28.75 16.81 0.77
N ASN B 167 -29.05 17.83 1.57
CA ASN B 167 -30.29 17.89 2.35
C ASN B 167 -31.37 18.69 1.65
N HIS B 168 -31.07 19.34 0.53
CA HIS B 168 -32.09 19.93 -0.32
C HIS B 168 -32.82 21.08 0.37
N PRO B 178 -21.83 15.71 23.44
CA PRO B 178 -22.07 14.70 22.40
C PRO B 178 -20.78 14.24 21.74
N VAL B 179 -19.64 14.65 22.29
CA VAL B 179 -18.33 14.34 21.74
C VAL B 179 -17.43 13.82 22.84
N GLY B 180 -16.40 13.08 22.43
CA GLY B 180 -15.49 12.46 23.37
C GLY B 180 -14.70 13.47 24.17
N GLU B 181 -13.87 12.92 25.07
CA GLU B 181 -13.10 13.70 26.03
C GLU B 181 -11.61 13.48 25.76
N ALA B 182 -10.84 14.57 25.83
CA ALA B 182 -9.43 14.47 25.50
C ALA B 182 -8.65 15.58 26.19
N ASP B 183 -7.37 15.30 26.44
CA ASP B 183 -6.43 16.26 27.00
C ASP B 183 -5.68 16.96 25.88
N PRO B 184 -4.90 18.00 26.20
CA PRO B 184 -4.26 18.79 25.13
C PRO B 184 -3.46 17.97 24.12
N TYR B 185 -2.57 17.08 24.58
CA TYR B 185 -1.81 16.28 23.63
C TYR B 185 -2.73 15.35 22.83
N ARG B 186 -3.77 14.82 23.47
CA ARG B 186 -4.62 13.84 22.81
C ARG B 186 -5.56 14.50 21.80
N VAL B 187 -5.98 15.74 22.05
CA VAL B 187 -6.90 16.38 21.11
C VAL B 187 -6.18 16.72 19.81
N LYS B 188 -4.87 16.94 19.85
CA LYS B 188 -4.11 17.16 18.63
C LYS B 188 -4.03 15.89 17.80
N MET B 189 -3.71 14.76 18.46
CA MET B 189 -3.65 13.48 17.76
C MET B 189 -4.99 13.13 17.14
N LYS B 190 -6.08 13.39 17.87
CA LYS B 190 -7.40 13.04 17.36
C LYS B 190 -7.72 13.80 16.07
N LEU B 191 -7.35 15.07 16.01
CA LEU B 191 -7.62 15.86 14.81
C LEU B 191 -6.89 15.27 13.60
N CYS B 192 -5.63 14.86 13.78
CA CYS B 192 -4.88 14.30 12.67
C CYS B 192 -5.51 13.00 12.19
N ILE B 193 -5.87 12.12 13.12
CA ILE B 193 -6.49 10.85 12.74
C ILE B 193 -7.79 11.10 12.00
N LEU B 194 -8.55 12.10 12.43
CA LEU B 194 -9.79 12.43 11.75
C LEU B 194 -9.52 13.01 10.37
N LEU B 195 -8.50 13.85 10.24
CA LEU B 195 -8.24 14.52 8.97
C LEU B 195 -7.79 13.53 7.90
N HIS B 196 -6.99 12.52 8.28
CA HIS B 196 -6.56 11.52 7.32
C HIS B 196 -7.73 10.67 6.83
N ALA B 197 -8.61 10.28 7.75
CA ALA B 197 -9.78 9.51 7.34
C ALA B 197 -10.76 10.37 6.55
N PHE B 198 -10.89 11.65 6.94
CA PHE B 198 -11.78 12.56 6.23
C PHE B 198 -11.29 12.83 4.82
N SER B 199 -9.97 12.86 4.61
CA SER B 199 -9.44 13.03 3.26
C SER B 199 -9.83 11.85 2.37
N THR B 200 -9.73 10.62 2.89
CA THR B 200 -10.10 9.45 2.09
C THR B 200 -11.60 9.43 1.80
N ARG B 201 -12.41 9.94 2.72
CA ARG B 201 -13.86 9.96 2.50
C ARG B 201 -14.24 11.00 1.45
N VAL B 202 -13.62 12.19 1.51
CA VAL B 202 -13.91 13.20 0.51
C VAL B 202 -13.49 12.72 -0.88
N VAL B 203 -12.38 11.97 -0.95
CA VAL B 203 -11.98 11.39 -2.23
C VAL B 203 -13.09 10.48 -2.77
N THR B 204 -13.70 9.69 -1.89
CA THR B 204 -14.81 8.83 -2.32
C THR B 204 -15.99 9.67 -2.78
N ILE B 205 -16.26 10.78 -2.09
CA ILE B 205 -17.36 11.66 -2.48
C ILE B 205 -17.08 12.26 -3.85
N ASN B 206 -15.84 12.67 -4.10
CA ASN B 206 -15.51 13.30 -5.37
C ASN B 206 -15.63 12.31 -6.52
N ARG B 207 -15.25 11.05 -6.30
CA ARG B 207 -15.44 10.03 -7.33
C ARG B 207 -16.91 9.86 -7.66
N VAL B 208 -17.77 9.88 -6.63
CA VAL B 208 -19.20 9.73 -6.85
C VAL B 208 -19.75 10.92 -7.64
N MET B 209 -19.41 12.14 -7.21
CA MET B 209 -19.94 13.32 -7.89
C MET B 209 -19.43 13.41 -9.32
N GLY B 210 -18.16 13.07 -9.55
CA GLY B 210 -17.66 13.01 -10.90
C GLY B 210 -18.37 11.97 -11.74
N TYR B 211 -18.80 10.87 -11.10
CA TYR B 211 -19.53 9.83 -11.81
C TYR B 211 -20.95 10.28 -12.12
N LEU B 212 -21.57 11.05 -11.22
CA LEU B 212 -22.90 11.57 -11.49
C LEU B 212 -22.87 12.55 -12.65
N SER B 213 -21.88 13.44 -12.68
CA SER B 213 -21.69 14.32 -13.82
C SER B 213 -21.09 13.53 -14.99
N SER B 214 -21.25 14.07 -16.19
CA SER B 214 -20.74 13.46 -17.41
C SER B 214 -21.26 12.04 -17.60
N ALA B 215 -22.29 11.64 -16.88
CA ALA B 215 -22.83 10.29 -16.99
C ALA B 215 -24.18 10.18 -16.31
#